data_8X5K
#
_entry.id   8X5K
#
_cell.length_a   38.095
_cell.length_b   83.903
_cell.length_c   39.962
_cell.angle_alpha   90.000
_cell.angle_beta   101.519
_cell.angle_gamma   90.000
#
_symmetry.space_group_name_H-M   'P 1 21 1'
#
loop_
_entity.id
_entity.type
_entity.pdbx_description
1 polymer 'Tyrosine-protein kinase SYK'
2 non-polymer 2-{[(1R,2S)-2-aminocyclohexyl]amino}-4-{[3-(2H-1,2,3-triazol-2-yl)phenyl]amino}pyrimidine-5-carboxamide
3 non-polymer 1,2-ETHANEDIOL
4 water water
#
_entity_poly.entity_id   1
_entity_poly.type   'polypeptide(L)'
_entity_poly.pdbx_seq_one_letter_code
;EEIRPKEVYLDRKLLTLEDKELGSGNFGTVKKGYYQMKKVVKTVAVKILKNEANDPALKDELLAEANVMQQLDNPYIVRM
IGICEAESWMLVMEMAELGPLNKYLQQNRHVKDKNIIELVHQVSMGMKYLEESNFVHRDLAARNVLLVTQHYAKISDFGL
SKALRADENYYKAQTHGKWPVKWYAPECINYYKFSSKSDVWSFGVLMWEAFSYGQKPYRGMKGSEVTAMLEKGERMGCPA
GCPREMYDLMNLCWTYDVENRPGFAAVELRLRNYYYDVVN
;
_entity_poly.pdbx_strand_id   A
#
loop_
_chem_comp.id
_chem_comp.type
_chem_comp.name
_chem_comp.formula
3YT non-polymer 2-{[(1R,2S)-2-aminocyclohexyl]amino}-4-{[3-(2H-1,2,3-triazol-2-yl)phenyl]amino}pyrimidine-5-carboxamide 'C19 H23 N9 O'
EDO non-polymer 1,2-ETHANEDIOL 'C2 H6 O2'
#
# COMPACT_ATOMS: atom_id res chain seq x y z
N VAL A 8 -0.69 -2.80 23.87
CA VAL A 8 0.16 -3.66 23.00
C VAL A 8 -0.53 -5.02 22.81
N TYR A 9 -0.81 -5.76 23.91
CA TYR A 9 -1.32 -7.15 23.88
C TYR A 9 -2.81 -7.17 24.22
N LEU A 10 -3.60 -7.90 23.42
CA LEU A 10 -5.09 -7.94 23.48
C LEU A 10 -5.55 -9.27 24.07
N ASP A 11 -6.72 -9.26 24.71
CA ASP A 11 -7.35 -10.46 25.34
C ASP A 11 -8.13 -11.23 24.27
N ARG A 12 -7.73 -12.47 23.99
CA ARG A 12 -8.40 -13.34 22.98
C ARG A 12 -9.90 -13.47 23.30
N LYS A 13 -10.29 -13.40 24.57
CA LYS A 13 -11.69 -13.61 25.04
C LYS A 13 -12.56 -12.39 24.63
N LEU A 14 -11.93 -11.25 24.33
CA LEU A 14 -12.61 -9.99 23.91
C LEU A 14 -12.64 -9.86 22.38
N LEU A 15 -12.00 -10.79 21.66
CA LEU A 15 -11.94 -10.82 20.17
C LEU A 15 -12.91 -11.88 19.65
N THR A 16 -13.81 -11.51 18.75
CA THR A 16 -14.58 -12.50 17.94
C THR A 16 -13.99 -12.47 16.54
N LEU A 17 -13.70 -13.66 15.98
CA LEU A 17 -13.29 -13.85 14.57
C LEU A 17 -14.42 -14.60 13.84
N GLU A 18 -14.82 -14.09 12.69
CA GLU A 18 -15.73 -14.80 11.74
C GLU A 18 -14.91 -15.92 11.11
N ASP A 19 -15.55 -17.06 10.85
CA ASP A 19 -14.89 -18.27 10.29
C ASP A 19 -14.36 -17.96 8.89
N LYS A 20 -15.23 -17.44 8.02
CA LYS A 20 -14.98 -17.19 6.58
C LYS A 20 -13.95 -16.07 6.42
N GLU A 21 -12.75 -16.42 5.95
CA GLU A 21 -11.61 -15.49 5.72
C GLU A 21 -12.00 -14.40 4.73
N LEU A 22 -11.41 -13.21 4.89
CA LEU A 22 -11.48 -12.11 3.90
C LEU A 22 -10.54 -12.44 2.74
N GLY A 23 -9.47 -13.18 3.03
CA GLY A 23 -8.45 -13.60 2.05
C GLY A 23 -7.23 -14.20 2.74
N SER A 24 -6.13 -14.35 2.00
CA SER A 24 -4.89 -15.01 2.47
CA SER A 24 -4.89 -15.00 2.48
C SER A 24 -3.66 -14.45 1.75
N GLY A 25 -2.49 -14.61 2.36
CA GLY A 25 -1.17 -14.34 1.76
C GLY A 25 -0.19 -15.44 2.14
N ASN A 26 1.10 -15.20 1.95
CA ASN A 26 2.19 -16.11 2.40
C ASN A 26 2.22 -16.13 3.94
N PHE A 27 2.02 -14.97 4.57
CA PHE A 27 2.00 -14.77 6.05
C PHE A 27 0.96 -15.66 6.73
N GLY A 28 -0.17 -15.92 6.06
CA GLY A 28 -1.36 -16.58 6.63
C GLY A 28 -2.65 -15.96 6.13
N THR A 29 -3.63 -15.75 7.01
CA THR A 29 -5.02 -15.38 6.62
C THR A 29 -5.32 -13.97 7.14
N VAL A 30 -6.27 -13.31 6.47
CA VAL A 30 -6.94 -12.08 6.96
C VAL A 30 -8.36 -12.48 7.34
N LYS A 31 -8.75 -12.24 8.59
CA LYS A 31 -10.11 -12.53 9.08
C LYS A 31 -10.74 -11.22 9.56
N LYS A 32 -12.06 -11.12 9.38
CA LYS A 32 -12.92 -10.05 9.92
C LYS A 32 -13.37 -10.45 11.32
N GLY A 33 -13.50 -9.48 12.20
CA GLY A 33 -14.16 -9.74 13.48
C GLY A 33 -14.46 -8.44 14.20
N TYR A 34 -14.58 -8.51 15.51
CA TYR A 34 -14.78 -7.30 16.35
C TYR A 34 -14.01 -7.50 17.65
N TYR A 35 -13.61 -6.39 18.25
CA TYR A 35 -12.83 -6.37 19.50
C TYR A 35 -13.55 -5.45 20.51
N GLN A 36 -13.80 -5.97 21.70
CA GLN A 36 -14.49 -5.21 22.78
C GLN A 36 -13.43 -4.43 23.54
N MET A 37 -13.27 -3.13 23.25
CA MET A 37 -12.25 -2.24 23.86
C MET A 37 -12.83 -1.63 25.15
N LYS A 39 -18.10 -0.75 26.83
CA LYS A 39 -17.99 0.47 25.98
C LYS A 39 -18.69 0.20 24.64
N VAL A 40 -17.92 0.01 23.56
CA VAL A 40 -18.39 -0.22 22.17
C VAL A 40 -17.35 -1.10 21.48
N VAL A 41 -17.80 -2.13 20.78
CA VAL A 41 -16.88 -2.97 19.98
C VAL A 41 -16.40 -2.14 18.78
N LYS A 42 -15.23 -2.55 18.29
CA LYS A 42 -14.53 -2.00 17.12
C LYS A 42 -14.48 -3.15 16.10
N THR A 43 -14.96 -2.91 14.88
CA THR A 43 -14.81 -3.92 13.79
C THR A 43 -13.32 -3.98 13.45
N VAL A 44 -12.79 -5.19 13.30
CA VAL A 44 -11.33 -5.36 13.06
C VAL A 44 -11.11 -6.26 11.85
N ALA A 45 -9.96 -6.05 11.22
CA ALA A 45 -9.29 -6.97 10.28
C ALA A 45 -8.11 -7.59 11.01
N VAL A 46 -7.90 -8.89 10.87
CA VAL A 46 -6.86 -9.59 11.66
C VAL A 46 -6.00 -10.42 10.71
N LYS A 47 -4.70 -10.16 10.69
CA LYS A 47 -3.70 -11.05 10.07
C LYS A 47 -3.35 -12.12 11.09
N ILE A 48 -3.62 -13.37 10.76
CA ILE A 48 -3.35 -14.56 11.60
C ILE A 48 -2.19 -15.31 10.94
N LEU A 49 -1.05 -15.38 11.64
CA LEU A 49 0.15 -16.10 11.14
C LEU A 49 -0.21 -17.57 11.04
N LYS A 50 0.02 -18.18 9.86
CA LYS A 50 -0.23 -19.63 9.65
C LYS A 50 0.71 -20.43 10.57
N ASN A 51 0.26 -21.62 10.96
CA ASN A 51 1.08 -22.67 11.63
C ASN A 51 1.58 -22.17 12.99
N GLU A 52 0.69 -21.56 13.77
CA GLU A 52 0.94 -21.08 15.16
C GLU A 52 2.16 -20.15 15.17
N ALA A 53 2.36 -19.37 14.11
CA ALA A 53 3.44 -18.37 13.96
C ALA A 53 4.81 -19.03 14.19
N ASN A 54 5.05 -20.18 13.56
CA ASN A 54 6.28 -20.99 13.73
C ASN A 54 7.48 -20.25 13.13
N ASP A 55 7.29 -19.60 11.98
CA ASP A 55 8.38 -19.01 11.15
C ASP A 55 8.82 -17.68 11.76
N PRO A 56 10.12 -17.52 12.12
CA PRO A 56 10.59 -16.30 12.79
C PRO A 56 10.62 -15.08 11.85
N ALA A 57 10.76 -15.29 10.54
CA ALA A 57 10.67 -14.23 9.50
C ALA A 57 9.27 -13.62 9.53
N LEU A 58 8.23 -14.47 9.47
CA LEU A 58 6.80 -14.07 9.57
C LEU A 58 6.59 -13.23 10.83
N LYS A 59 7.06 -13.73 11.98
CA LYS A 59 6.93 -13.05 13.29
C LYS A 59 7.58 -11.67 13.21
N ASP A 60 8.76 -11.57 12.58
CA ASP A 60 9.47 -10.29 12.35
C ASP A 60 8.67 -9.43 11.37
N GLU A 61 8.16 -10.03 10.29
CA GLU A 61 7.36 -9.32 9.27
C GLU A 61 6.09 -8.77 9.91
N LEU A 62 5.44 -9.52 10.81
CA LEU A 62 4.28 -9.05 11.61
C LEU A 62 4.76 -7.96 12.57
N LEU A 63 5.82 -8.22 13.34
CA LEU A 63 6.39 -7.25 14.32
C LEU A 63 6.80 -5.97 13.58
N ALA A 64 7.53 -6.12 12.47
CA ALA A 64 7.95 -5.01 11.60
C ALA A 64 6.73 -4.15 11.26
N GLU A 65 5.72 -4.77 10.65
CA GLU A 65 4.43 -4.10 10.32
C GLU A 65 3.86 -3.52 11.61
N ALA A 66 3.72 -4.34 12.65
CA ALA A 66 3.15 -3.92 13.96
C ALA A 66 3.92 -2.69 14.46
N ASN A 67 5.25 -2.75 14.43
CA ASN A 67 6.14 -1.70 14.99
C ASN A 67 6.02 -0.44 14.14
N VAL A 68 5.95 -0.58 12.81
CA VAL A 68 5.79 0.57 11.87
C VAL A 68 4.43 1.22 12.10
N MET A 69 3.34 0.44 12.07
CA MET A 69 1.95 0.93 12.27
C MET A 69 1.85 1.68 13.61
N GLN A 70 2.43 1.11 14.66
CA GLN A 70 2.46 1.69 16.03
C GLN A 70 3.05 3.11 15.99
N GLN A 71 4.12 3.31 15.20
CA GLN A 71 4.86 4.59 15.12
C GLN A 71 4.08 5.59 14.24
N LEU A 72 3.25 5.12 13.31
CA LEU A 72 2.52 5.97 12.33
C LEU A 72 1.15 6.34 12.89
N ASP A 73 0.77 7.60 12.70
CA ASP A 73 -0.53 8.17 13.14
C ASP A 73 -0.96 9.16 12.07
N ASN A 74 -1.84 8.72 11.17
CA ASN A 74 -2.30 9.55 10.03
C ASN A 74 -3.63 9.01 9.52
N PRO A 75 -4.58 9.87 9.09
CA PRO A 75 -5.90 9.42 8.68
C PRO A 75 -5.89 8.50 7.45
N TYR A 76 -4.81 8.47 6.66
CA TYR A 76 -4.75 7.69 5.38
C TYR A 76 -3.80 6.51 5.52
N ILE A 77 -3.55 6.09 6.76
CA ILE A 77 -2.72 4.91 7.10
C ILE A 77 -3.52 4.04 8.08
N VAL A 78 -3.65 2.74 7.78
CA VAL A 78 -4.36 1.77 8.65
C VAL A 78 -3.75 1.81 10.06
N ARG A 79 -4.62 1.85 11.06
CA ARG A 79 -4.23 1.90 12.49
C ARG A 79 -4.25 0.47 13.04
N MET A 80 -3.26 0.13 13.86
CA MET A 80 -3.15 -1.16 14.58
C MET A 80 -3.88 -1.02 15.92
N ILE A 81 -4.66 -2.03 16.33
CA ILE A 81 -5.32 -2.06 17.67
C ILE A 81 -4.35 -2.72 18.66
N GLY A 82 -3.66 -3.77 18.23
CA GLY A 82 -2.67 -4.48 19.06
C GLY A 82 -2.36 -5.85 18.50
N ILE A 83 -1.62 -6.65 19.26
CA ILE A 83 -1.29 -8.06 18.92
C ILE A 83 -2.02 -8.98 19.90
N CYS A 84 -2.63 -10.06 19.41
CA CYS A 84 -3.26 -11.10 20.25
C CYS A 84 -2.51 -12.41 20.03
N GLU A 85 -2.00 -13.00 21.13
CA GLU A 85 -1.24 -14.27 21.13
C GLU A 85 -2.17 -15.37 21.65
N ALA A 86 -2.75 -16.17 20.75
CA ALA A 86 -3.72 -17.24 21.09
C ALA A 86 -3.41 -18.48 20.24
N GLU A 87 -4.40 -19.04 19.55
CA GLU A 87 -4.20 -20.22 18.63
C GLU A 87 -3.03 -19.93 17.68
N SER A 88 -2.91 -18.69 17.18
CA SER A 88 -1.71 -18.19 16.48
C SER A 88 -1.42 -16.76 16.93
N TRP A 89 -0.35 -16.15 16.41
CA TRP A 89 -0.11 -14.69 16.50
C TRP A 89 -1.09 -14.00 15.56
N MET A 90 -1.70 -12.92 16.05
CA MET A 90 -2.76 -12.16 15.34
C MET A 90 -2.41 -10.68 15.40
N LEU A 91 -2.22 -10.04 14.24
CA LEU A 91 -2.10 -8.57 14.15
C LEU A 91 -3.50 -8.01 13.91
N VAL A 92 -4.01 -7.24 14.89
CA VAL A 92 -5.41 -6.77 14.93
C VAL A 92 -5.38 -5.30 14.55
N MET A 93 -6.14 -4.94 13.51
CA MET A 93 -6.14 -3.59 12.91
C MET A 93 -7.59 -3.13 12.80
N GLU A 94 -7.79 -1.83 12.64
CA GLU A 94 -9.10 -1.25 12.26
CA GLU A 94 -9.11 -1.29 12.29
C GLU A 94 -9.50 -1.85 10.91
N MET A 95 -10.78 -2.18 10.75
CA MET A 95 -11.28 -2.84 9.53
C MET A 95 -11.45 -1.79 8.44
N ALA A 96 -10.80 -1.98 7.30
CA ALA A 96 -11.13 -1.26 6.04
C ALA A 96 -12.28 -2.01 5.36
N GLU A 97 -13.51 -1.55 5.59
CA GLU A 97 -14.77 -2.30 5.37
C GLU A 97 -14.94 -2.74 3.92
N LEU A 98 -14.46 -1.99 2.92
CA LEU A 98 -14.70 -2.32 1.48
C LEU A 98 -13.49 -3.01 0.83
N GLY A 99 -12.40 -3.25 1.56
CA GLY A 99 -11.32 -4.13 1.12
C GLY A 99 -10.33 -3.45 0.16
N PRO A 100 -9.44 -4.24 -0.47
CA PRO A 100 -8.37 -3.73 -1.33
C PRO A 100 -8.90 -3.02 -2.59
N LEU A 101 -8.20 -1.95 -2.96
CA LEU A 101 -8.60 -1.06 -4.09
C LEU A 101 -8.65 -1.83 -5.42
N ASN A 102 -7.70 -2.71 -5.72
CA ASN A 102 -7.66 -3.42 -7.03
C ASN A 102 -8.91 -4.30 -7.17
N LYS A 103 -9.27 -5.04 -6.12
CA LYS A 103 -10.43 -5.97 -6.09
C LYS A 103 -11.73 -5.17 -6.24
N TYR A 104 -11.86 -4.05 -5.53
CA TYR A 104 -13.09 -3.21 -5.47
C TYR A 104 -13.35 -2.57 -6.85
N LEU A 105 -12.30 -2.06 -7.51
CA LEU A 105 -12.47 -1.46 -8.86
C LEU A 105 -12.74 -2.56 -9.89
N GLN A 106 -12.12 -3.73 -9.76
CA GLN A 106 -12.36 -4.91 -10.63
C GLN A 106 -13.85 -5.26 -10.66
N GLN A 107 -14.50 -5.14 -9.50
CA GLN A 107 -15.91 -5.54 -9.25
C GLN A 107 -16.83 -4.31 -9.30
N ASN A 108 -16.29 -3.11 -9.51
CA ASN A 108 -17.12 -1.88 -9.57
C ASN A 108 -16.60 -0.99 -10.69
N ARG A 109 -16.75 -1.46 -11.94
CA ARG A 109 -16.26 -0.79 -13.16
C ARG A 109 -16.98 0.55 -13.36
N HIS A 110 -18.02 0.83 -12.56
CA HIS A 110 -18.92 2.01 -12.68
C HIS A 110 -18.38 3.20 -11.88
N VAL A 111 -17.42 2.99 -10.99
CA VAL A 111 -16.81 4.09 -10.19
C VAL A 111 -16.26 5.13 -11.18
N LYS A 112 -16.50 6.42 -10.91
CA LYS A 112 -16.22 7.55 -11.82
C LYS A 112 -14.74 7.94 -11.74
N ASP A 113 -14.21 8.55 -12.81
CA ASP A 113 -12.82 9.05 -12.86
C ASP A 113 -12.59 9.96 -11.66
N LYS A 114 -13.54 10.86 -11.38
CA LYS A 114 -13.48 11.86 -10.28
C LYS A 114 -13.32 11.16 -8.92
N ASN A 115 -13.98 10.00 -8.74
CA ASN A 115 -13.91 9.22 -7.48
C ASN A 115 -12.51 8.62 -7.35
N ILE A 116 -11.97 8.10 -8.44
CA ILE A 116 -10.60 7.51 -8.48
C ILE A 116 -9.57 8.59 -8.12
N ILE A 117 -9.71 9.81 -8.64
CA ILE A 117 -8.79 10.94 -8.34
C ILE A 117 -8.83 11.19 -6.83
N GLU A 118 -10.02 11.24 -6.24
CA GLU A 118 -10.20 11.51 -4.79
C GLU A 118 -9.39 10.47 -3.99
N LEU A 119 -9.52 9.19 -4.34
CA LEU A 119 -8.85 8.07 -3.60
C LEU A 119 -7.32 8.14 -3.80
N VAL A 120 -6.83 8.32 -5.04
CA VAL A 120 -5.35 8.33 -5.26
C VAL A 120 -4.78 9.59 -4.59
N HIS A 121 -5.53 10.69 -4.52
CA HIS A 121 -5.08 11.88 -3.78
C HIS A 121 -4.91 11.51 -2.30
N GLN A 122 -5.89 10.82 -1.71
CA GLN A 122 -5.81 10.38 -0.29
C GLN A 122 -4.54 9.54 -0.10
N VAL A 123 -4.25 8.64 -1.04
CA VAL A 123 -3.00 7.81 -0.95
C VAL A 123 -1.79 8.76 -0.95
N SER A 124 -1.80 9.79 -1.82
CA SER A 124 -0.67 10.74 -1.94
C SER A 124 -0.49 11.50 -0.61
N MET A 125 -1.56 11.76 0.15
CA MET A 125 -1.46 12.47 1.44
C MET A 125 -0.85 11.54 2.49
N GLY A 126 -1.27 10.27 2.52
CA GLY A 126 -0.65 9.25 3.38
C GLY A 126 0.83 9.06 3.05
N MET A 127 1.17 9.08 1.76
CA MET A 127 2.59 8.88 1.34
C MET A 127 3.41 10.11 1.69
N LYS A 128 2.81 11.30 1.57
CA LYS A 128 3.49 12.58 1.92
C LYS A 128 3.89 12.53 3.40
N TYR A 129 2.98 12.03 4.25
CA TYR A 129 3.22 11.86 5.71
C TYR A 129 4.30 10.80 5.92
N LEU A 130 4.24 9.70 5.16
CA LEU A 130 5.26 8.62 5.27
C LEU A 130 6.65 9.22 4.96
N GLU A 131 6.76 9.98 3.87
CA GLU A 131 8.01 10.64 3.41
C GLU A 131 8.52 11.63 4.48
N GLU A 132 7.60 12.40 5.09
CA GLU A 132 7.92 13.40 6.15
C GLU A 132 8.43 12.68 7.40
N SER A 133 7.95 11.45 7.66
CA SER A 133 8.31 10.60 8.82
C SER A 133 9.54 9.74 8.51
N ASN A 134 10.14 9.90 7.32
CA ASN A 134 11.33 9.15 6.82
C ASN A 134 11.07 7.64 6.96
N PHE A 135 9.90 7.19 6.48
CA PHE A 135 9.58 5.76 6.23
C PHE A 135 9.49 5.54 4.72
N VAL A 136 10.00 4.41 4.26
CA VAL A 136 9.81 3.92 2.86
C VAL A 136 8.89 2.71 2.94
N HIS A 137 7.83 2.70 2.14
CA HIS A 137 6.80 1.63 2.15
C HIS A 137 7.40 0.36 1.54
N ARG A 138 7.88 0.47 0.31
CA ARG A 138 8.57 -0.61 -0.47
C ARG A 138 7.57 -1.65 -1.01
N ASP A 139 6.26 -1.51 -0.79
CA ASP A 139 5.24 -2.41 -1.39
C ASP A 139 3.99 -1.61 -1.76
N LEU A 140 4.17 -0.39 -2.25
CA LEU A 140 3.01 0.48 -2.58
C LEU A 140 2.41 -0.01 -3.90
N ALA A 141 1.18 -0.50 -3.84
CA ALA A 141 0.42 -1.09 -4.97
C ALA A 141 -1.07 -1.08 -4.61
N ALA A 142 -1.95 -1.13 -5.62
CA ALA A 142 -3.41 -1.01 -5.45
C ALA A 142 -3.92 -2.08 -4.47
N ARG A 143 -3.27 -3.24 -4.40
CA ARG A 143 -3.68 -4.34 -3.47
C ARG A 143 -3.43 -3.93 -2.01
N ASN A 144 -2.60 -2.91 -1.78
CA ASN A 144 -2.16 -2.49 -0.42
C ASN A 144 -2.72 -1.09 -0.11
N VAL A 145 -3.73 -0.66 -0.88
CA VAL A 145 -4.64 0.47 -0.55
C VAL A 145 -6.00 -0.15 -0.26
N LEU A 146 -6.54 0.16 0.91
CA LEU A 146 -7.79 -0.42 1.45
C LEU A 146 -8.83 0.67 1.55
N LEU A 147 -10.08 0.35 1.18
CA LEU A 147 -11.19 1.31 1.23
C LEU A 147 -11.94 1.14 2.56
N VAL A 148 -12.08 2.23 3.31
CA VAL A 148 -12.98 2.33 4.51
C VAL A 148 -14.40 2.56 3.99
N THR A 149 -14.55 3.57 3.14
CA THR A 149 -15.77 3.83 2.35
C THR A 149 -15.35 4.02 0.88
N GLN A 150 -16.35 4.13 0.00
CA GLN A 150 -16.18 4.35 -1.45
C GLN A 150 -15.30 5.59 -1.67
N HIS A 151 -15.25 6.49 -0.68
CA HIS A 151 -14.57 7.82 -0.76
C HIS A 151 -13.48 7.99 0.32
N TYR A 152 -12.96 6.92 0.90
CA TYR A 152 -11.94 6.99 1.99
C TYR A 152 -10.98 5.81 1.86
N ALA A 153 -9.79 6.09 1.34
CA ALA A 153 -8.69 5.11 1.14
C ALA A 153 -7.68 5.23 2.28
N LYS A 154 -7.07 4.10 2.65
CA LYS A 154 -5.96 4.04 3.61
C LYS A 154 -4.87 3.12 3.05
N ILE A 155 -3.61 3.45 3.31
CA ILE A 155 -2.44 2.61 2.93
C ILE A 155 -2.25 1.55 4.03
N SER A 156 -1.97 0.30 3.62
CA SER A 156 -1.74 -0.83 4.55
C SER A 156 -0.48 -1.59 4.14
N ASP A 157 -0.25 -2.74 4.79
CA ASP A 157 0.73 -3.80 4.41
C ASP A 157 2.14 -3.21 4.48
N PHE A 158 2.59 -2.92 5.69
CA PHE A 158 3.90 -2.28 5.99
C PHE A 158 4.95 -3.35 6.31
N GLY A 159 4.71 -4.60 5.90
CA GLY A 159 5.60 -5.74 6.14
C GLY A 159 7.01 -5.52 5.59
N LEU A 160 7.16 -4.74 4.51
CA LEU A 160 8.48 -4.48 3.86
C LEU A 160 8.97 -3.07 4.18
N SER A 161 8.20 -2.30 4.94
CA SER A 161 8.50 -0.87 5.21
C SER A 161 9.74 -0.75 6.10
N LYS A 162 10.48 0.33 5.93
CA LYS A 162 11.76 0.59 6.63
C LYS A 162 11.73 2.02 7.16
N ALA A 163 12.01 2.18 8.46
CA ALA A 163 12.27 3.48 9.11
C ALA A 163 13.70 3.89 8.76
N LEU A 164 13.86 4.94 7.95
CA LEU A 164 15.20 5.43 7.55
C LEU A 164 15.88 6.06 8.77
N ARG A 165 17.17 5.80 8.94
CA ARG A 165 18.01 6.48 9.98
C ARG A 165 18.11 7.97 9.63
N ALA A 166 18.43 8.84 10.59
CA ALA A 166 18.61 10.29 10.33
C ALA A 166 19.81 10.53 9.41
N ASP A 167 20.81 9.64 9.41
CA ASP A 167 22.05 9.81 8.61
C ASP A 167 21.90 9.19 7.21
N GLU A 168 20.68 8.96 6.71
CA GLU A 168 20.48 8.31 5.38
C GLU A 168 19.17 8.76 4.72
N ASN A 169 19.17 8.74 3.38
CA ASN A 169 18.03 9.19 2.52
C ASN A 169 17.45 7.99 1.77
N TYR A 170 18.01 6.79 1.94
CA TYR A 170 17.53 5.54 1.30
C TYR A 170 17.88 4.34 2.17
N TYR A 171 17.14 3.25 1.97
CA TYR A 171 17.40 1.90 2.53
C TYR A 171 18.07 1.06 1.44
N LYS A 172 19.23 0.49 1.78
CA LYS A 172 19.99 -0.44 0.92
C LYS A 172 19.56 -1.86 1.30
N ALA A 173 18.97 -2.60 0.35
CA ALA A 173 18.44 -3.96 0.55
C ALA A 173 19.52 -4.99 0.22
N GLN A 174 19.50 -6.14 0.89
CA GLN A 174 20.42 -7.28 0.63
C GLN A 174 19.89 -8.08 -0.57
N PRO A 180 8.14 -7.48 -5.86
CA PRO A 180 7.17 -6.88 -6.81
C PRO A 180 7.89 -5.92 -7.77
N VAL A 181 8.73 -6.47 -8.66
CA VAL A 181 9.62 -5.74 -9.61
C VAL A 181 8.80 -4.80 -10.51
N LYS A 182 7.57 -5.20 -10.83
CA LYS A 182 6.67 -4.39 -11.69
C LYS A 182 6.31 -3.07 -11.01
N TRP A 183 6.49 -2.94 -9.68
CA TRP A 183 6.18 -1.69 -8.94
C TRP A 183 7.47 -0.95 -8.56
N TYR A 184 8.64 -1.48 -8.92
CA TYR A 184 9.96 -0.99 -8.45
C TYR A 184 10.52 0.00 -9.48
N ALA A 185 11.16 1.05 -8.99
CA ALA A 185 11.89 2.03 -9.82
C ALA A 185 13.19 1.37 -10.28
N PRO A 186 13.80 1.85 -11.39
CA PRO A 186 15.04 1.26 -11.90
C PRO A 186 16.18 1.12 -10.87
N GLU A 187 16.35 2.12 -10.00
CA GLU A 187 17.44 2.17 -9.00
C GLU A 187 17.23 1.10 -7.92
N CYS A 188 15.99 0.66 -7.68
CA CYS A 188 15.69 -0.49 -6.80
C CYS A 188 16.23 -1.78 -7.41
N ILE A 189 16.03 -1.95 -8.72
CA ILE A 189 16.40 -3.17 -9.50
C ILE A 189 17.92 -3.20 -9.65
N ASN A 190 18.51 -2.06 -10.01
CA ASN A 190 19.94 -1.96 -10.42
C ASN A 190 20.84 -1.78 -9.20
N TYR A 191 20.42 -1.05 -8.17
CA TYR A 191 21.30 -0.60 -7.08
C TYR A 191 20.75 -0.96 -5.70
N TYR A 192 19.56 -1.58 -5.64
CA TYR A 192 18.91 -2.08 -4.40
C TYR A 192 18.64 -0.91 -3.44
N LYS A 193 18.43 0.29 -3.97
CA LYS A 193 18.22 1.52 -3.16
C LYS A 193 16.73 1.87 -3.14
N PHE A 194 16.15 1.89 -1.95
CA PHE A 194 14.73 2.22 -1.73
C PHE A 194 14.65 3.55 -0.99
N SER A 195 13.95 4.50 -1.58
CA SER A 195 13.80 5.87 -1.04
C SER A 195 12.33 6.25 -1.16
N SER A 196 11.93 7.38 -0.57
CA SER A 196 10.57 7.92 -0.84
C SER A 196 10.40 8.10 -2.36
N LYS A 197 11.48 8.44 -3.09
CA LYS A 197 11.40 8.61 -4.57
C LYS A 197 11.04 7.27 -5.24
N SER A 198 11.58 6.15 -4.77
CA SER A 198 11.21 4.84 -5.36
C SER A 198 9.72 4.55 -5.05
N ASP A 199 9.22 4.96 -3.88
CA ASP A 199 7.77 4.84 -3.54
C ASP A 199 6.96 5.72 -4.51
N VAL A 200 7.48 6.87 -4.92
CA VAL A 200 6.79 7.74 -5.93
C VAL A 200 6.62 6.93 -7.22
N TRP A 201 7.66 6.24 -7.68
CA TRP A 201 7.56 5.40 -8.89
C TRP A 201 6.41 4.39 -8.68
N SER A 202 6.42 3.67 -7.56
CA SER A 202 5.37 2.65 -7.26
C SER A 202 4.00 3.33 -7.28
N PHE A 203 3.91 4.57 -6.79
CA PHE A 203 2.64 5.34 -6.79
C PHE A 203 2.18 5.59 -8.23
N GLY A 204 3.10 5.80 -9.18
CA GLY A 204 2.82 5.86 -10.61
C GLY A 204 2.11 4.61 -11.12
N VAL A 205 2.61 3.44 -10.74
CA VAL A 205 2.07 2.11 -11.15
C VAL A 205 0.71 1.93 -10.46
N LEU A 206 0.59 2.31 -9.17
CA LEU A 206 -0.68 2.34 -8.40
C LEU A 206 -1.72 3.18 -9.13
N MET A 207 -1.36 4.37 -9.63
CA MET A 207 -2.32 5.22 -10.36
C MET A 207 -2.76 4.49 -11.63
N TRP A 208 -1.84 3.90 -12.36
CA TRP A 208 -2.18 3.17 -13.62
C TRP A 208 -3.19 2.06 -13.27
N GLU A 209 -2.91 1.27 -12.23
CA GLU A 209 -3.80 0.20 -11.72
C GLU A 209 -5.21 0.73 -11.46
N ALA A 210 -5.28 1.84 -10.73
CA ALA A 210 -6.56 2.44 -10.28
C ALA A 210 -7.38 2.89 -11.49
N PHE A 211 -6.78 3.59 -12.44
CA PHE A 211 -7.48 4.04 -13.69
C PHE A 211 -7.72 2.85 -14.63
N SER A 212 -7.03 1.73 -14.44
CA SER A 212 -7.26 0.48 -15.20
C SER A 212 -8.23 -0.46 -14.44
N TYR A 213 -8.92 0.05 -13.43
CA TYR A 213 -9.94 -0.67 -12.61
C TYR A 213 -9.37 -2.01 -12.10
N GLY A 214 -8.14 -1.96 -11.59
CA GLY A 214 -7.50 -3.08 -10.88
C GLY A 214 -6.88 -4.12 -11.82
N GLN A 215 -6.62 -3.79 -13.09
CA GLN A 215 -5.83 -4.66 -13.99
C GLN A 215 -4.39 -4.72 -13.49
N LYS A 216 -3.72 -5.85 -13.69
CA LYS A 216 -2.28 -6.01 -13.38
C LYS A 216 -1.49 -5.13 -14.34
N PRO A 217 -0.41 -4.47 -13.88
CA PRO A 217 0.49 -3.74 -14.79
C PRO A 217 1.37 -4.73 -15.57
N TYR A 218 1.89 -4.31 -16.74
CA TYR A 218 2.83 -5.08 -17.60
C TYR A 218 2.32 -6.51 -17.77
N ARG A 219 1.03 -6.66 -18.08
CA ARG A 219 0.33 -7.94 -18.39
C ARG A 219 1.25 -8.83 -19.25
N GLY A 220 1.49 -10.08 -18.81
CA GLY A 220 2.14 -11.14 -19.61
C GLY A 220 3.65 -10.99 -19.71
N MET A 221 4.24 -9.99 -19.04
CA MET A 221 5.69 -9.72 -19.13
C MET A 221 6.40 -10.26 -17.89
N LYS A 222 7.60 -10.80 -18.08
CA LYS A 222 8.57 -11.14 -17.00
C LYS A 222 9.20 -9.85 -16.49
N GLY A 223 9.71 -9.84 -15.26
CA GLY A 223 10.43 -8.71 -14.66
C GLY A 223 11.52 -8.18 -15.57
N SER A 224 12.40 -9.05 -16.08
CA SER A 224 13.55 -8.71 -16.97
C SER A 224 13.03 -7.97 -18.23
N GLU A 225 11.86 -8.35 -18.74
CA GLU A 225 11.23 -7.72 -19.92
C GLU A 225 10.67 -6.34 -19.56
N VAL A 226 10.19 -6.16 -18.33
CA VAL A 226 9.73 -4.83 -17.83
C VAL A 226 10.95 -3.90 -17.76
N THR A 227 12.02 -4.33 -17.11
CA THR A 227 13.32 -3.62 -17.04
C THR A 227 13.75 -3.16 -18.43
N ALA A 228 13.71 -4.06 -19.41
CA ALA A 228 14.18 -3.84 -20.80
C ALA A 228 13.30 -2.77 -21.47
N MET A 229 11.98 -2.89 -21.29
CA MET A 229 10.99 -1.93 -21.84
C MET A 229 11.24 -0.54 -21.24
N LEU A 230 11.41 -0.46 -19.92
CA LEU A 230 11.62 0.84 -19.21
C LEU A 230 12.95 1.45 -19.66
N GLU A 231 13.97 0.61 -19.86
CA GLU A 231 15.33 1.07 -20.28
C GLU A 231 15.26 1.69 -21.67
N LYS A 232 14.41 1.16 -22.55
CA LYS A 232 14.16 1.72 -23.92
C LYS A 232 13.32 3.00 -23.83
N GLY A 233 12.95 3.46 -22.64
CA GLY A 233 12.13 4.68 -22.46
C GLY A 233 10.65 4.45 -22.73
N GLU A 234 10.20 3.20 -22.84
CA GLU A 234 8.76 2.90 -23.08
C GLU A 234 8.05 2.84 -21.72
N ARG A 235 6.77 3.22 -21.73
CA ARG A 235 5.90 3.25 -20.54
C ARG A 235 4.56 2.61 -20.91
N MET A 236 3.91 1.98 -19.95
CA MET A 236 2.51 1.49 -20.10
C MET A 236 1.68 2.61 -20.70
N GLY A 237 0.75 2.24 -21.58
CA GLY A 237 -0.18 3.17 -22.25
C GLY A 237 -1.18 3.78 -21.28
N CYS A 238 -1.88 4.81 -21.75
CA CYS A 238 -2.93 5.54 -20.99
C CYS A 238 -4.15 4.63 -20.82
N PRO A 239 -4.61 4.35 -19.58
CA PRO A 239 -5.87 3.63 -19.39
C PRO A 239 -7.09 4.30 -20.06
N ALA A 240 -7.97 3.45 -20.59
CA ALA A 240 -9.29 3.82 -21.15
C ALA A 240 -10.00 4.72 -20.14
N GLY A 241 -10.34 5.94 -20.56
CA GLY A 241 -11.10 6.92 -19.76
C GLY A 241 -10.23 7.73 -18.81
N CYS A 242 -8.93 7.45 -18.74
CA CYS A 242 -8.01 8.13 -17.80
C CYS A 242 -7.80 9.56 -18.27
N PRO A 243 -8.10 10.59 -17.45
CA PRO A 243 -7.83 11.97 -17.84
C PRO A 243 -6.35 12.16 -18.19
N ARG A 244 -6.06 13.03 -19.15
CA ARG A 244 -4.68 13.22 -19.66
C ARG A 244 -3.81 13.71 -18.51
N GLU A 245 -4.32 14.59 -17.66
CA GLU A 245 -3.56 15.20 -16.53
C GLU A 245 -3.10 14.11 -15.55
N MET A 246 -3.88 13.05 -15.39
CA MET A 246 -3.52 11.91 -14.50
C MET A 246 -2.49 11.02 -15.19
N TYR A 247 -2.58 10.83 -16.50
CA TYR A 247 -1.55 10.06 -17.25
C TYR A 247 -0.23 10.86 -17.29
N ASP A 248 -0.30 12.20 -17.36
CA ASP A 248 0.88 13.08 -17.23
C ASP A 248 1.55 12.84 -15.88
N LEU A 249 0.78 12.75 -14.80
CA LEU A 249 1.33 12.56 -13.44
C LEU A 249 1.94 11.16 -13.34
N MET A 250 1.30 10.13 -13.91
CA MET A 250 1.89 8.77 -13.93
C MET A 250 3.29 8.85 -14.53
N ASN A 251 3.39 9.42 -15.74
CA ASN A 251 4.66 9.58 -16.49
C ASN A 251 5.68 10.38 -15.68
N LEU A 252 5.25 11.39 -14.92
CA LEU A 252 6.16 12.17 -14.05
C LEU A 252 6.69 11.28 -12.91
N CYS A 253 5.83 10.46 -12.30
CA CYS A 253 6.24 9.49 -11.26
C CYS A 253 7.23 8.49 -11.86
N TRP A 254 7.09 8.15 -13.14
CA TRP A 254 7.99 7.19 -13.84
C TRP A 254 9.18 7.93 -14.46
N THR A 255 9.68 8.96 -13.80
CA THR A 255 10.94 9.61 -14.21
C THR A 255 12.11 8.68 -13.89
N TYR A 256 12.90 8.32 -14.89
CA TYR A 256 14.00 7.34 -14.73
C TYR A 256 15.00 7.83 -13.68
N ASP A 257 15.50 9.05 -13.85
CA ASP A 257 16.54 9.67 -12.98
C ASP A 257 15.91 10.03 -11.63
N VAL A 258 16.35 9.39 -10.55
CA VAL A 258 15.80 9.60 -9.18
C VAL A 258 15.82 11.09 -8.83
N GLU A 259 16.92 11.80 -9.12
CA GLU A 259 17.11 13.21 -8.69
C GLU A 259 16.01 14.10 -9.27
N ASN A 260 15.57 13.81 -10.50
CA ASN A 260 14.57 14.63 -11.22
C ASN A 260 13.15 14.10 -11.00
N ARG A 261 12.98 12.90 -10.42
CA ARG A 261 11.63 12.39 -10.04
C ARG A 261 11.08 13.23 -8.88
N PRO A 262 9.79 13.64 -8.92
CA PRO A 262 9.22 14.41 -7.82
C PRO A 262 9.07 13.54 -6.57
N GLY A 263 9.11 14.19 -5.40
CA GLY A 263 8.72 13.62 -4.12
C GLY A 263 7.22 13.75 -3.90
N PHE A 264 6.72 13.21 -2.80
CA PHE A 264 5.27 13.14 -2.52
C PHE A 264 4.71 14.52 -2.22
N ALA A 265 5.53 15.46 -1.72
CA ALA A 265 5.08 16.87 -1.59
C ALA A 265 4.56 17.37 -2.95
N ALA A 266 5.35 17.22 -4.01
CA ALA A 266 5.03 17.69 -5.38
C ALA A 266 3.87 16.89 -5.95
N VAL A 267 3.86 15.58 -5.71
CA VAL A 267 2.79 14.67 -6.22
C VAL A 267 1.47 15.06 -5.54
N GLU A 268 1.45 15.14 -4.21
CA GLU A 268 0.21 15.46 -3.45
C GLU A 268 -0.33 16.81 -3.94
N LEU A 269 0.53 17.80 -4.15
CA LEU A 269 0.09 19.17 -4.53
C LEU A 269 -0.57 19.10 -5.92
N ARG A 270 0.01 18.35 -6.85
CA ARG A 270 -0.51 18.23 -8.24
C ARG A 270 -1.89 17.56 -8.22
N LEU A 271 -2.09 16.52 -7.40
CA LEU A 271 -3.38 15.80 -7.29
C LEU A 271 -4.42 16.69 -6.59
N ARG A 272 -4.00 17.41 -5.55
CA ARG A 272 -4.88 18.36 -4.79
C ARG A 272 -5.48 19.37 -5.78
N ASN A 273 -4.61 20.11 -6.49
CA ASN A 273 -5.00 21.20 -7.40
C ASN A 273 -5.94 20.69 -8.48
N TYR A 274 -5.61 19.55 -9.10
CA TYR A 274 -6.45 18.97 -10.19
C TYR A 274 -7.83 18.64 -9.62
N TYR A 275 -7.86 17.85 -8.53
CA TYR A 275 -9.10 17.36 -7.89
C TYR A 275 -10.00 18.55 -7.55
N TYR A 276 -9.47 19.54 -6.84
CA TYR A 276 -10.22 20.74 -6.36
C TYR A 276 -10.27 21.80 -7.48
N ASP A 277 -10.73 21.42 -8.67
CA ASP A 277 -10.80 22.30 -9.87
C ASP A 277 -11.24 21.48 -11.09
C2 3YT B . -4.62 -6.94 1.52
C3 3YT B . -5.10 -7.91 0.43
C11 3YT B . -5.11 -4.66 6.38
C12 3YT B . -6.49 -4.79 6.29
C13 3YT B . -7.38 -4.00 7.21
C16 3YT B . -7.00 -5.68 5.29
C18 3YT B . -9.10 -6.50 4.16
C19 3YT B . -10.44 -6.17 4.06
C20 3YT B . -11.23 -6.79 3.11
C21 3YT B . -10.69 -7.77 2.28
C22 3YT B . -9.36 -8.09 2.40
C23 3YT B . -8.55 -7.48 3.33
C26 3YT B . -7.50 -10.59 0.83
C27 3YT B . -8.52 -10.41 -0.07
N1 3YT B . -3.39 -6.23 1.07
C4 3YT B . -4.08 -9.01 0.18
C5 3YT B . -3.78 -9.78 1.44
C6 3YT B . -3.37 -8.86 2.60
C7 3YT B . -4.39 -7.74 2.81
N8 3YT B . -3.98 -6.85 3.88
C9 3YT B . -4.84 -6.18 4.68
N10 3YT B . -4.28 -5.34 5.59
N14 3YT B . -8.67 -3.96 6.92
O15 3YT B . -6.92 -3.46 8.23
N17 3YT B . -8.33 -5.85 5.13
N24 3YT B . -8.79 -9.10 1.56
N25 3YT B . -7.68 -9.76 1.86
N28 3YT B . -9.36 -9.47 0.40
N29 3YT B . -6.16 -6.36 4.51
C1 EDO C . 10.07 17.30 -4.36
O1 EDO C . 9.99 17.26 -5.77
C2 EDO C . 8.72 17.28 -3.74
O2 EDO C . 8.62 16.46 -2.61
#